data_5JF4
#
_entry.id   5JF4
#
_cell.length_a   41.150
_cell.length_b   65.710
_cell.length_c   88.540
_cell.angle_alpha   90.00
_cell.angle_beta   90.00
_cell.angle_gamma   90.00
#
_symmetry.space_group_name_H-M   'P 21 21 21'
#
loop_
_entity.id
_entity.type
_entity.pdbx_description
1 polymer 'Peptide deformylase'
2 non-polymer (3R)-3-{3-[(1-benzofuran-3-yl)methyl]-1,2,4-oxadiazol-5-yl}-4-cyclopentyl-N-hydroxybutanamide
3 non-polymer 'ACETATE ION'
4 non-polymer IMIDAZOLE
5 non-polymer 'ZINC ION'
6 water water
#
_entity_poly.entity_id   1
_entity_poly.type   'polypeptide(L)'
_entity_poly.pdbx_seq_one_letter_code
;MAAIDKLVKASHLIDMNDIIREGNPTLRKVAEEVTFPLSEKEEILGEKMMQFLKHSQDPIMAEKLGLRGGVGLAAPQLDI
SKRIIAVLVPNVEDAQGNPPKEAYSLQEVMYNPKVVSHSVQDAALSDGEG(OCS)LSVDREVPGYVVRHARVTIEYFDKT
GEKHRLKLKGYNSIVVQHEIDHIDGIMFYDRINEKNPFAVKEGLLILE
;
_entity_poly.pdbx_strand_id   A
#
# COMPACT_ATOMS: atom_id res chain seq x y z
N ALA A 2 8.16 -16.50 -15.29
CA ALA A 2 7.09 -15.51 -15.02
C ALA A 2 7.63 -14.58 -13.94
N ALA A 3 7.09 -13.37 -13.85
CA ALA A 3 7.46 -12.46 -12.75
C ALA A 3 7.60 -13.18 -11.40
N ILE A 4 6.66 -14.06 -11.07
CA ILE A 4 6.58 -14.57 -9.69
C ILE A 4 7.71 -15.49 -9.39
N ASP A 5 8.21 -16.13 -10.43
CA ASP A 5 9.32 -17.05 -10.36
C ASP A 5 10.64 -16.33 -10.09
N LYS A 6 10.88 -15.18 -10.73
CA LYS A 6 11.99 -14.28 -10.34
C LYS A 6 11.88 -13.83 -8.84
N LEU A 7 10.72 -13.31 -8.47
CA LEU A 7 10.48 -12.76 -7.14
C LEU A 7 10.69 -13.68 -5.96
N VAL A 8 10.34 -14.96 -6.11
CA VAL A 8 10.37 -15.91 -4.99
C VAL A 8 11.63 -16.79 -4.85
N LYS A 9 12.56 -16.71 -5.81
CA LYS A 9 13.91 -17.28 -5.60
C LYS A 9 14.45 -16.84 -4.21
N ALA A 10 14.94 -17.80 -3.44
CA ALA A 10 15.31 -17.53 -2.04
C ALA A 10 16.26 -16.34 -1.86
N SER A 11 17.20 -16.16 -2.79
CA SER A 11 18.20 -15.10 -2.68
C SER A 11 17.76 -13.75 -3.25
N HIS A 12 16.62 -13.72 -3.93
CA HIS A 12 16.10 -12.50 -4.54
C HIS A 12 15.55 -11.46 -3.58
N LEU A 13 16.03 -10.22 -3.72
CA LEU A 13 15.49 -9.08 -2.97
C LEU A 13 14.77 -8.14 -3.94
N ILE A 14 13.52 -7.83 -3.60
CA ILE A 14 12.70 -6.88 -4.38
C ILE A 14 13.40 -5.52 -4.30
N ASP A 15 13.55 -4.90 -5.44
CA ASP A 15 14.05 -3.55 -5.53
C ASP A 15 13.19 -2.80 -6.58
N MET A 16 13.62 -1.62 -7.00
CA MET A 16 12.86 -0.80 -7.96
C MET A 16 12.77 -1.38 -9.35
N ASN A 17 13.69 -2.26 -9.72
CA ASN A 17 13.64 -2.86 -11.06
C ASN A 17 12.56 -3.93 -11.18
N ASP A 18 11.95 -4.28 -10.06
CA ASP A 18 10.82 -5.20 -10.05
C ASP A 18 9.47 -4.51 -10.18
N ILE A 19 9.46 -3.17 -10.07
CA ILE A 19 8.26 -2.38 -9.96
C ILE A 19 7.85 -1.93 -11.35
N ILE A 20 6.64 -2.30 -11.76
CA ILE A 20 6.19 -1.91 -13.12
C ILE A 20 5.73 -0.47 -13.11
N ARG A 21 5.65 0.10 -14.30
CA ARG A 21 5.40 1.52 -14.39
C ARG A 21 4.03 1.89 -15.00
N GLU A 22 3.65 3.10 -14.70
CA GLU A 22 2.55 3.76 -15.33
C GLU A 22 2.46 3.46 -16.81
N GLY A 23 1.36 2.85 -17.23
CA GLY A 23 1.22 2.51 -18.59
C GLY A 23 1.11 1.00 -18.75
N ASN A 24 1.74 0.24 -17.85
CA ASN A 24 1.67 -1.20 -17.90
C ASN A 24 0.27 -1.67 -17.60
N PRO A 25 -0.35 -2.46 -18.53
CA PRO A 25 -1.77 -2.82 -18.36
C PRO A 25 -2.15 -3.51 -17.06
N THR A 26 -1.21 -4.15 -16.36
CA THR A 26 -1.46 -4.87 -15.11
C THR A 26 -1.95 -3.97 -13.96
N LEU A 27 -1.52 -2.70 -13.93
CA LEU A 27 -1.97 -1.70 -12.97
C LEU A 27 -3.43 -1.31 -13.08
N ARG A 28 -4.05 -1.65 -14.21
CA ARG A 28 -5.43 -1.32 -14.55
C ARG A 28 -6.37 -2.54 -14.49
N LYS A 29 -5.84 -3.71 -14.19
CA LYS A 29 -6.71 -4.86 -14.03
C LYS A 29 -7.33 -4.92 -12.65
N VAL A 30 -8.38 -5.74 -12.49
CA VAL A 30 -8.82 -6.22 -11.19
C VAL A 30 -8.04 -7.53 -10.89
N ALA A 31 -7.22 -7.51 -9.85
CA ALA A 31 -6.45 -8.67 -9.38
C ALA A 31 -7.34 -9.86 -9.07
N GLU A 32 -6.81 -11.08 -9.26
CA GLU A 32 -7.52 -12.32 -8.92
C GLU A 32 -7.46 -12.62 -7.43
N GLU A 33 -8.61 -12.97 -6.85
CA GLU A 33 -8.67 -13.51 -5.50
C GLU A 33 -7.68 -14.65 -5.34
N VAL A 34 -7.02 -14.70 -4.18
CA VAL A 34 -6.22 -15.90 -3.84
C VAL A 34 -7.11 -16.95 -3.12
N THR A 35 -6.76 -18.23 -3.27
CA THR A 35 -7.47 -19.32 -2.54
C THR A 35 -6.57 -19.92 -1.45
N PHE A 36 -7.19 -20.27 -0.31
CA PHE A 36 -6.55 -20.93 0.82
C PHE A 36 -6.73 -22.47 0.82
N PRO A 37 -5.68 -23.21 1.22
CA PRO A 37 -4.37 -22.73 1.70
C PRO A 37 -3.56 -22.12 0.59
N LEU A 38 -2.66 -21.22 0.95
CA LEU A 38 -1.86 -20.52 -0.03
C LEU A 38 -0.87 -21.45 -0.68
N SER A 39 -0.63 -21.31 -1.98
CA SER A 39 0.56 -21.89 -2.54
C SER A 39 1.82 -21.38 -1.82
N GLU A 40 2.96 -22.04 -2.09
CA GLU A 40 4.24 -21.69 -1.45
C GLU A 40 4.64 -20.33 -1.96
N LYS A 41 4.43 -20.10 -3.24
CA LYS A 41 4.70 -18.85 -3.95
C LYS A 41 3.99 -17.60 -3.42
N GLU A 42 2.70 -17.75 -3.16
CA GLU A 42 1.88 -16.64 -2.72
C GLU A 42 2.28 -16.22 -1.32
N GLU A 43 2.62 -17.21 -0.51
CA GLU A 43 3.17 -16.99 0.79
C GLU A 43 4.54 -16.33 0.76
N ILE A 44 5.45 -16.82 -0.07
CA ILE A 44 6.77 -16.26 -0.17
C ILE A 44 6.65 -14.84 -0.77
N LEU A 45 5.83 -14.68 -1.81
CA LEU A 45 5.57 -13.33 -2.34
C LEU A 45 5.19 -12.29 -1.25
N GLY A 46 4.31 -12.64 -0.33
CA GLY A 46 3.92 -11.74 0.75
C GLY A 46 5.10 -11.37 1.65
N GLU A 47 5.93 -12.31 1.97
CA GLU A 47 7.10 -12.05 2.81
C GLU A 47 8.15 -11.19 2.17
N LYS A 48 8.40 -11.39 0.88
CA LYS A 48 9.21 -10.54 0.06
C LYS A 48 8.75 -9.07 -0.01
N MET A 49 7.42 -8.89 -0.21
CA MET A 49 6.78 -7.56 -0.30
C MET A 49 6.99 -6.82 1.03
N MET A 50 6.70 -7.51 2.13
CA MET A 50 6.99 -6.98 3.46
C MET A 50 8.49 -6.70 3.69
N GLN A 51 9.35 -7.60 3.22
CA GLN A 51 10.78 -7.39 3.28
C GLN A 51 11.23 -6.10 2.52
N PHE A 52 10.66 -5.92 1.34
CA PHE A 52 10.83 -4.71 0.60
C PHE A 52 10.45 -3.45 1.41
N LEU A 53 9.37 -3.47 2.18
CA LEU A 53 8.99 -2.24 2.82
C LEU A 53 9.87 -1.94 3.99
N LYS A 54 10.21 -2.98 4.74
CA LYS A 54 11.26 -2.92 5.78
C LYS A 54 12.53 -2.38 5.21
N HIS A 55 13.03 -2.97 4.13
CA HIS A 55 14.27 -2.44 3.53
C HIS A 55 14.22 -0.98 3.17
N SER A 56 13.14 -0.55 2.52
CA SER A 56 12.89 0.84 2.06
C SER A 56 12.86 1.88 3.21
N GLN A 57 12.52 1.42 4.41
CA GLN A 57 12.54 2.26 5.61
C GLN A 57 13.83 2.15 6.45
N ASP A 58 14.73 1.25 6.06
CA ASP A 58 16.03 1.08 6.71
C ASP A 58 17.03 1.95 5.98
N PRO A 59 17.72 2.89 6.69
CA PRO A 59 18.58 3.87 5.95
C PRO A 59 19.66 3.15 5.10
N ILE A 60 20.30 2.16 5.71
CA ILE A 60 21.32 1.30 5.06
C ILE A 60 20.85 0.44 3.86
N MET A 61 19.75 -0.28 4.02
CA MET A 61 19.27 -1.13 2.94
C MET A 61 18.64 -0.33 1.80
N ALA A 62 18.01 0.81 2.14
CA ALA A 62 17.43 1.67 1.17
C ALA A 62 18.55 2.18 0.27
N GLU A 63 19.64 2.60 0.91
CA GLU A 63 20.86 2.99 0.20
C GLU A 63 21.57 1.82 -0.55
N LYS A 64 21.77 0.65 0.07
CA LYS A 64 22.24 -0.53 -0.69
C LYS A 64 21.41 -0.90 -1.91
N LEU A 65 20.08 -0.83 -1.78
CA LEU A 65 19.23 -1.31 -2.87
C LEU A 65 18.72 -0.25 -3.83
N GLY A 66 18.92 1.02 -3.50
CA GLY A 66 18.41 2.13 -4.32
C GLY A 66 16.91 2.35 -4.18
N LEU A 67 16.43 2.13 -2.96
CA LEU A 67 15.00 2.07 -2.66
C LEU A 67 14.49 3.39 -2.09
N ARG A 68 13.36 3.85 -2.61
CA ARG A 68 12.71 5.01 -2.03
C ARG A 68 11.76 4.56 -0.90
N GLY A 69 11.89 5.20 0.27
CA GLY A 69 10.96 5.10 1.44
C GLY A 69 9.54 4.78 1.00
N GLY A 70 8.86 3.87 1.71
CA GLY A 70 7.54 3.35 1.26
C GLY A 70 6.80 2.76 2.43
N VAL A 71 5.48 2.82 2.40
CA VAL A 71 4.65 2.23 3.48
C VAL A 71 3.63 1.17 3.03
N GLY A 72 3.51 1.00 1.73
CA GLY A 72 2.61 -0.01 1.20
C GLY A 72 3.12 -0.49 -0.14
N LEU A 73 2.73 -1.72 -0.52
CA LEU A 73 3.05 -2.29 -1.84
C LEU A 73 1.96 -3.32 -2.23
N ALA A 74 1.48 -3.30 -3.47
CA ALA A 74 0.44 -4.24 -3.90
C ALA A 74 1.06 -5.16 -4.93
N ALA A 75 0.56 -6.39 -5.07
CA ALA A 75 1.24 -7.34 -5.94
C ALA A 75 1.10 -6.91 -7.42
N PRO A 76 -0.03 -6.27 -7.82
CA PRO A 76 -0.07 -5.70 -9.18
C PRO A 76 1.17 -4.85 -9.58
N GLN A 77 1.83 -4.24 -8.61
CA GLN A 77 2.95 -3.35 -8.87
C GLN A 77 4.21 -4.13 -9.24
N LEU A 78 4.20 -5.43 -8.94
CA LEU A 78 5.27 -6.31 -9.24
C LEU A 78 4.91 -7.17 -10.47
N ASP A 79 3.85 -6.79 -11.19
CA ASP A 79 3.30 -7.54 -12.32
C ASP A 79 2.58 -8.83 -11.94
N ILE A 80 2.04 -8.91 -10.71
CA ILE A 80 1.39 -10.11 -10.21
C ILE A 80 -0.04 -9.76 -9.92
N SER A 81 -0.96 -10.24 -10.74
CA SER A 81 -2.39 -9.90 -10.60
C SER A 81 -3.15 -10.72 -9.56
N LYS A 82 -2.75 -10.60 -8.30
CA LYS A 82 -3.36 -11.24 -7.18
C LYS A 82 -3.72 -10.22 -6.12
N ARG A 83 -4.74 -10.52 -5.31
CA ARG A 83 -5.23 -9.64 -4.28
C ARG A 83 -4.37 -9.80 -2.99
N ILE A 84 -3.15 -9.24 -3.11
CA ILE A 84 -2.13 -9.29 -2.04
C ILE A 84 -1.50 -7.91 -1.85
N ILE A 85 -1.63 -7.37 -0.64
CA ILE A 85 -0.94 -6.16 -0.27
C ILE A 85 -0.11 -6.33 1.04
N ALA A 86 0.94 -5.51 1.19
CA ALA A 86 1.68 -5.37 2.44
C ALA A 86 1.63 -3.89 2.86
N VAL A 87 1.46 -3.69 4.17
CA VAL A 87 1.44 -2.34 4.73
C VAL A 87 2.32 -2.30 5.94
N LEU A 88 3.13 -1.25 6.01
CA LEU A 88 4.09 -1.08 7.06
C LEU A 88 4.14 0.37 7.36
N VAL A 89 3.33 0.82 8.30
CA VAL A 89 3.26 2.27 8.63
C VAL A 89 3.97 2.56 9.96
N PRO A 90 5.13 3.28 9.92
CA PRO A 90 5.88 3.47 11.15
C PRO A 90 5.30 4.55 12.05
N ASN A 91 5.56 4.34 13.34
CA ASN A 91 5.34 5.37 14.32
C ASN A 91 6.56 6.28 14.43
N VAL A 92 6.35 7.50 14.91
CA VAL A 92 7.49 8.39 15.00
C VAL A 92 8.07 8.58 16.42
N GLU A 93 9.40 8.67 16.52
CA GLU A 93 10.11 9.16 17.73
C GLU A 93 9.52 10.48 18.29
N ASP A 94 9.74 10.75 19.57
CA ASP A 94 9.32 12.04 20.11
C ASP A 94 10.43 13.12 20.00
N ALA A 95 10.16 14.36 20.46
CA ALA A 95 11.16 15.45 20.40
C ALA A 95 12.42 15.12 21.15
N GLN A 96 12.33 14.31 22.20
CA GLN A 96 13.50 13.89 22.92
C GLN A 96 14.33 12.78 22.17
N GLY A 97 13.84 12.29 21.03
CA GLY A 97 14.56 11.18 20.35
C GLY A 97 14.24 9.75 20.79
N ASN A 98 13.16 9.55 21.59
CA ASN A 98 12.81 8.24 22.11
C ASN A 98 11.95 7.49 21.16
N PRO A 99 12.28 6.22 20.92
CA PRO A 99 11.44 5.42 20.00
C PRO A 99 9.98 5.36 20.51
N PRO A 100 9.00 5.18 19.60
CA PRO A 100 7.63 4.90 20.07
C PRO A 100 7.46 3.53 20.76
N LYS A 101 6.43 3.38 21.60
CA LYS A 101 6.06 2.13 22.27
C LYS A 101 5.90 1.02 21.25
N GLU A 102 5.09 1.32 20.22
CA GLU A 102 4.92 0.51 19.00
C GLU A 102 5.82 1.04 17.88
N ALA A 103 6.63 0.15 17.32
CA ALA A 103 7.42 0.47 16.14
C ALA A 103 6.53 0.91 14.93
N TYR A 104 5.35 0.32 14.79
CA TYR A 104 4.46 0.53 13.65
C TYR A 104 3.03 0.73 14.13
N SER A 105 2.26 1.59 13.46
CA SER A 105 0.82 1.65 13.74
C SER A 105 0.10 0.58 12.92
N LEU A 106 0.77 0.09 11.88
CA LEU A 106 0.21 -0.97 11.08
C LEU A 106 1.31 -1.70 10.36
N GLN A 107 1.33 -2.99 10.56
CA GLN A 107 2.23 -3.91 9.94
C GLN A 107 1.46 -5.18 9.58
N GLU A 108 1.26 -5.45 8.28
CA GLU A 108 0.45 -6.58 7.83
C GLU A 108 0.65 -6.98 6.37
N VAL A 109 0.62 -8.30 6.12
CA VAL A 109 0.39 -8.82 4.74
C VAL A 109 -1.06 -9.28 4.62
N MET A 110 -1.80 -8.64 3.71
CA MET A 110 -3.26 -8.85 3.59
C MET A 110 -3.62 -9.55 2.31
N TYR A 111 -4.35 -10.65 2.40
CA TYR A 111 -4.86 -11.39 1.24
C TYR A 111 -6.34 -11.12 1.11
N ASN A 112 -6.78 -10.90 -0.12
CA ASN A 112 -8.17 -10.54 -0.41
C ASN A 112 -8.73 -9.41 0.50
N PRO A 113 -8.00 -8.31 0.60
CA PRO A 113 -8.58 -7.29 1.46
C PRO A 113 -9.72 -6.55 0.78
N LYS A 114 -10.67 -6.09 1.57
CA LYS A 114 -11.69 -5.19 1.01
C LYS A 114 -12.25 -4.16 2.00
N VAL A 115 -12.73 -3.04 1.48
CA VAL A 115 -13.57 -2.13 2.29
C VAL A 115 -15.01 -2.64 2.34
N VAL A 116 -15.43 -3.05 3.55
CA VAL A 116 -16.81 -3.44 3.87
C VAL A 116 -17.74 -2.28 4.35
N SER A 117 -17.19 -1.21 4.96
CA SER A 117 -17.94 0.00 5.22
C SER A 117 -16.99 1.14 5.48
N HIS A 118 -17.49 2.39 5.49
CA HIS A 118 -16.62 3.57 5.61
C HIS A 118 -17.46 4.73 6.12
N SER A 119 -16.77 5.84 6.40
CA SER A 119 -17.44 7.05 6.82
C SER A 119 -17.99 7.82 5.62
N VAL A 120 -19.05 8.60 5.89
CA VAL A 120 -19.55 9.61 4.96
C VAL A 120 -18.44 10.64 4.78
N GLN A 121 -17.70 10.96 5.85
CA GLN A 121 -16.61 11.92 5.75
C GLN A 121 -15.42 11.49 4.88
N ASP A 122 -14.83 12.42 4.15
CA ASP A 122 -13.70 12.18 3.29
C ASP A 122 -12.44 12.69 3.94
N ALA A 123 -11.29 12.20 3.54
CA ALA A 123 -10.02 12.71 4.09
C ALA A 123 -9.02 12.79 2.94
N ALA A 124 -7.97 13.61 3.06
CA ALA A 124 -6.88 13.65 2.07
C ALA A 124 -5.57 13.99 2.76
N LEU A 125 -4.48 13.35 2.38
CA LEU A 125 -3.19 13.85 2.83
C LEU A 125 -2.99 15.24 2.29
N SER A 126 -2.60 16.13 3.19
CA SER A 126 -2.30 17.51 2.87
C SER A 126 -1.14 17.68 1.84
N ASP A 127 -0.26 16.67 1.78
CA ASP A 127 0.92 16.66 0.91
C ASP A 127 0.74 15.95 -0.46
N GLY A 128 -0.47 15.47 -0.72
CA GLY A 128 -0.76 14.70 -1.89
C GLY A 128 -0.33 13.27 -1.63
N GLU A 129 -0.32 12.46 -2.68
CA GLU A 129 0.15 11.11 -2.58
C GLU A 129 1.20 10.84 -3.65
N GLY A 130 1.97 9.80 -3.46
CA GLY A 130 2.98 9.42 -4.43
C GLY A 130 2.69 7.99 -4.84
N LEU A 132 5.23 4.47 -6.20
CA LEU A 132 6.34 3.69 -6.77
C LEU A 132 6.31 3.48 -8.27
N SER A 133 5.12 3.40 -8.87
CA SER A 133 5.00 3.18 -10.31
C SER A 133 4.95 4.46 -11.14
N VAL A 134 4.84 5.60 -10.48
CA VAL A 134 4.63 6.88 -11.11
C VAL A 134 5.90 7.74 -10.92
N ASP A 135 6.48 8.13 -12.04
CA ASP A 135 7.75 8.87 -12.06
C ASP A 135 7.39 10.31 -12.49
N ARG A 136 6.23 10.78 -12.05
CA ARG A 136 5.79 12.15 -12.33
C ARG A 136 5.44 12.88 -11.04
N GLU A 137 5.47 14.21 -11.10
CA GLU A 137 5.02 15.06 -10.00
C GLU A 137 3.52 15.25 -10.21
N VAL A 138 2.71 14.72 -9.29
CA VAL A 138 1.22 14.79 -9.44
C VAL A 138 0.69 15.56 -8.24
N PRO A 139 0.38 16.85 -8.44
CA PRO A 139 -0.10 17.65 -7.32
C PRO A 139 -1.59 17.42 -7.02
N GLY A 140 -2.03 17.59 -5.78
CA GLY A 140 -3.47 17.64 -5.53
C GLY A 140 -3.92 16.69 -4.43
N TYR A 141 -5.13 16.93 -3.94
CA TYR A 141 -5.71 16.11 -2.89
C TYR A 141 -6.32 14.89 -3.49
N VAL A 142 -5.86 13.75 -2.98
CA VAL A 142 -6.40 12.46 -3.36
C VAL A 142 -7.50 12.17 -2.37
N VAL A 143 -8.75 12.31 -2.81
CA VAL A 143 -9.91 12.24 -1.90
C VAL A 143 -10.31 10.79 -1.55
N ARG A 144 -10.19 10.46 -0.26
CA ARG A 144 -10.41 9.10 0.17
C ARG A 144 -11.50 9.14 1.27
N HIS A 145 -11.95 7.99 1.77
CA HIS A 145 -12.71 7.91 2.99
C HIS A 145 -11.85 8.26 4.17
N ALA A 146 -12.44 8.90 5.16
CA ALA A 146 -11.77 9.22 6.41
C ALA A 146 -11.51 7.92 7.22
N ARG A 147 -12.54 7.11 7.37
CA ARG A 147 -12.47 5.92 8.17
C ARG A 147 -13.01 4.79 7.32
N VAL A 148 -12.43 3.61 7.48
CA VAL A 148 -12.89 2.38 6.75
C VAL A 148 -12.99 1.23 7.72
N THR A 149 -13.85 0.24 7.43
CA THR A 149 -13.73 -1.05 8.08
C THR A 149 -13.33 -1.95 6.96
N ILE A 150 -12.22 -2.66 7.15
CA ILE A 150 -11.81 -3.67 6.19
C ILE A 150 -11.87 -5.10 6.77
N GLU A 151 -12.17 -6.05 5.89
CA GLU A 151 -11.89 -7.46 6.08
C GLU A 151 -10.76 -7.97 5.21
N TYR A 152 -10.05 -8.96 5.69
CA TYR A 152 -8.92 -9.51 4.93
C TYR A 152 -8.51 -10.85 5.54
N PHE A 153 -7.75 -11.64 4.79
CA PHE A 153 -7.16 -12.86 5.31
C PHE A 153 -5.66 -12.70 5.45
N ASP A 154 -5.09 -13.28 6.49
CA ASP A 154 -3.64 -13.38 6.57
C ASP A 154 -3.19 -14.70 5.95
N LYS A 155 -1.90 -15.00 6.02
CA LYS A 155 -1.34 -16.14 5.29
C LYS A 155 -1.72 -17.50 5.83
N THR A 156 -2.31 -17.53 7.03
CA THR A 156 -2.87 -18.76 7.59
C THR A 156 -4.30 -18.96 7.08
N GLY A 157 -4.90 -17.96 6.41
CA GLY A 157 -6.29 -18.14 6.04
C GLY A 157 -7.24 -17.64 7.10
N GLU A 158 -6.72 -17.18 8.23
CA GLU A 158 -7.52 -16.52 9.25
C GLU A 158 -8.06 -15.14 8.82
N LYS A 159 -9.35 -14.96 9.06
CA LYS A 159 -10.07 -13.75 8.67
C LYS A 159 -10.00 -12.68 9.76
N HIS A 160 -9.66 -11.45 9.35
CA HIS A 160 -9.63 -10.28 10.21
C HIS A 160 -10.64 -9.22 9.79
N ARG A 161 -11.27 -8.59 10.78
CA ARG A 161 -12.17 -7.43 10.58
C ARG A 161 -11.57 -6.30 11.37
N LEU A 162 -11.27 -5.18 10.71
CA LEU A 162 -10.54 -4.08 11.34
C LEU A 162 -11.09 -2.70 10.95
N LYS A 163 -11.26 -1.79 11.91
CA LYS A 163 -11.51 -0.39 11.61
C LYS A 163 -10.22 0.49 11.61
N LEU A 164 -10.13 1.40 10.65
CA LEU A 164 -8.98 2.25 10.51
C LEU A 164 -9.41 3.70 10.30
N LYS A 165 -8.57 4.58 10.82
CA LYS A 165 -8.69 5.98 10.57
C LYS A 165 -7.28 6.53 10.38
N GLY A 166 -7.19 7.85 10.18
CA GLY A 166 -5.94 8.56 10.03
C GLY A 166 -5.13 8.09 8.84
N TYR A 167 -3.82 8.07 9.02
CA TYR A 167 -2.90 7.72 7.95
C TYR A 167 -3.04 6.22 7.53
N ASN A 168 -3.22 5.31 8.47
CA ASN A 168 -3.47 3.88 8.23
C ASN A 168 -4.58 3.58 7.26
N SER A 169 -5.67 4.31 7.44
CA SER A 169 -6.82 4.29 6.51
C SER A 169 -6.45 4.75 5.06
N ILE A 170 -5.75 5.89 4.93
CA ILE A 170 -5.29 6.40 3.63
C ILE A 170 -4.39 5.37 2.94
N VAL A 171 -3.43 4.79 3.69
CA VAL A 171 -2.46 3.81 3.16
C VAL A 171 -3.14 2.59 2.57
N VAL A 172 -3.95 1.94 3.40
CA VAL A 172 -4.73 0.74 3.01
C VAL A 172 -5.68 0.94 1.82
N GLN A 173 -6.41 2.06 1.82
CA GLN A 173 -7.26 2.42 0.64
C GLN A 173 -6.46 2.52 -0.65
N HIS A 174 -5.27 3.15 -0.55
CA HIS A 174 -4.31 3.29 -1.66
C HIS A 174 -3.88 1.95 -2.29
N GLU A 175 -3.48 0.99 -1.44
CA GLU A 175 -3.17 -0.38 -1.81
C GLU A 175 -4.35 -1.22 -2.31
N ILE A 176 -5.47 -1.24 -1.59
CA ILE A 176 -6.67 -1.89 -2.13
C ILE A 176 -7.04 -1.41 -3.53
N ASP A 177 -6.91 -0.11 -3.77
CA ASP A 177 -7.20 0.45 -5.06
C ASP A 177 -6.36 -0.21 -6.14
N HIS A 178 -5.08 -0.48 -5.85
CA HIS A 178 -4.16 -1.14 -6.78
C HIS A 178 -4.66 -2.50 -7.24
N ILE A 179 -5.35 -3.23 -6.36
CA ILE A 179 -5.82 -4.60 -6.68
C ILE A 179 -7.18 -4.56 -7.42
N ASP A 180 -7.67 -3.32 -7.55
CA ASP A 180 -8.87 -3.02 -8.31
C ASP A 180 -8.58 -2.25 -9.59
N GLY A 181 -7.32 -1.92 -9.86
CA GLY A 181 -6.90 -1.20 -11.09
C GLY A 181 -7.10 0.31 -11.01
N ILE A 182 -7.20 0.86 -9.80
CA ILE A 182 -7.38 2.28 -9.57
C ILE A 182 -6.03 2.89 -9.13
N MET A 183 -5.64 3.98 -9.81
CA MET A 183 -4.45 4.81 -9.54
C MET A 183 -4.81 6.07 -8.73
N PHE A 184 -3.88 6.62 -7.96
CA PHE A 184 -4.22 7.63 -7.01
C PHE A 184 -4.78 8.84 -7.67
N TYR A 185 -4.24 9.18 -8.82
CA TYR A 185 -4.69 10.41 -9.49
C TYR A 185 -6.13 10.34 -10.06
N ASP A 186 -6.75 9.16 -10.01
CA ASP A 186 -8.16 8.99 -10.39
C ASP A 186 -9.12 9.64 -9.33
N ARG A 187 -8.58 9.94 -8.14
CA ARG A 187 -9.35 10.50 -7.02
C ARG A 187 -8.91 11.92 -6.73
N ILE A 188 -8.23 12.56 -7.71
CA ILE A 188 -7.84 13.96 -7.69
C ILE A 188 -8.81 14.72 -8.66
N ASN A 189 -9.34 15.85 -8.16
CA ASN A 189 -10.32 16.68 -8.88
C ASN A 189 -9.72 17.07 -10.24
N GLU A 190 -10.52 16.87 -11.29
CA GLU A 190 -10.12 16.99 -12.69
C GLU A 190 -9.83 18.44 -13.06
N LYS A 191 -10.60 19.38 -12.49
CA LYS A 191 -10.45 20.80 -12.82
C LYS A 191 -9.58 21.60 -11.83
N ASN A 192 -9.82 21.45 -10.52
CA ASN A 192 -8.92 22.03 -9.50
C ASN A 192 -8.34 20.97 -8.58
N PRO A 193 -7.05 20.62 -8.74
CA PRO A 193 -6.42 19.60 -7.89
C PRO A 193 -6.59 19.82 -6.38
N PHE A 194 -6.68 21.09 -5.96
CA PHE A 194 -6.74 21.53 -4.56
C PHE A 194 -8.13 22.04 -4.13
N ALA A 195 -9.15 21.64 -4.87
CA ALA A 195 -10.51 21.88 -4.51
C ALA A 195 -10.79 21.18 -3.19
N VAL A 196 -11.26 21.94 -2.20
CA VAL A 196 -11.71 21.40 -0.94
C VAL A 196 -13.24 21.51 -0.83
N LYS A 197 -13.94 20.37 -0.96
CA LYS A 197 -15.35 20.27 -0.57
C LYS A 197 -15.44 20.32 0.95
N GLU A 198 -16.34 21.17 1.46
CA GLU A 198 -16.56 21.34 2.90
C GLU A 198 -16.78 20.01 3.64
N GLY A 199 -16.11 19.88 4.78
CA GLY A 199 -16.14 18.69 5.60
C GLY A 199 -14.90 17.80 5.42
N LEU A 200 -14.09 18.09 4.41
CA LEU A 200 -12.92 17.29 4.07
C LEU A 200 -11.88 17.37 5.15
N LEU A 201 -11.58 16.21 5.74
CA LEU A 201 -10.48 16.08 6.70
C LEU A 201 -9.12 16.09 6.00
N ILE A 202 -8.40 17.21 6.15
CA ILE A 202 -7.05 17.32 5.62
C ILE A 202 -6.02 16.82 6.68
N LEU A 203 -5.30 15.73 6.39
CA LEU A 203 -4.32 15.17 7.32
C LEU A 203 -2.87 15.73 7.18
N GLU A 204 -2.31 16.28 8.24
CA GLU A 204 -1.03 17.05 8.16
C GLU A 204 0.22 16.20 8.23
#